data_4YHU
#
_entry.id   4YHU
#
_cell.length_a   87.663
_cell.length_b   161.205
_cell.length_c   105.214
_cell.angle_alpha   90.00
_cell.angle_beta   90.00
_cell.angle_gamma   90.00
#
_symmetry.space_group_name_H-M   'C 2 2 21'
#
loop_
_entity.id
_entity.type
_entity.pdbx_description
1 polymer 'U4/U6 small nuclear ribonucleoprotein PRP3'
2 non-polymer 'YTTRIUM (III) ION'
3 water water
#
_entity_poly.entity_id   1
_entity_poly.type   'polypeptide(L)'
_entity_poly.pdbx_seq_one_letter_code
;GAMVVKDQVDLRKRKHLEENERRHEDAIKRRKEAVNMNVEKPTVYHCKVFQFKNLQNPKIRFKLKMNSKELSLKGLCLRI
RDDGPGIIIVVGNEKSCKFYENLVMKRIKWNEDFELHTNTGDIKMDMHNNSISKTWEGYLQDCKFKGWFMKVCNDQDSLL
RTLGQFDSEHFYSPVQT
;
_entity_poly.pdbx_strand_id   A,B,C
#
loop_
_chem_comp.id
_chem_comp.type
_chem_comp.name
_chem_comp.formula
YT3 non-polymer 'YTTRIUM (III) ION' 'Y 3'
#
# COMPACT_ATOMS: atom_id res chain seq x y z
N THR A 43 21.21 -5.39 -6.66
CA THR A 43 20.71 -5.94 -5.37
C THR A 43 19.67 -5.02 -4.71
N VAL A 44 19.19 -5.41 -3.53
CA VAL A 44 18.05 -4.74 -2.89
C VAL A 44 18.40 -4.09 -1.54
N TYR A 45 17.95 -2.85 -1.35
CA TYR A 45 18.28 -2.04 -0.17
C TYR A 45 17.19 -2.13 0.90
N HIS A 46 17.56 -2.44 2.15
N HIS A 46 17.59 -2.43 2.15
CA HIS A 46 16.58 -2.43 3.23
CA HIS A 46 16.65 -2.41 3.27
C HIS A 46 16.45 -1.02 3.81
C HIS A 46 16.44 -0.96 3.72
N CYS A 47 15.22 -0.65 4.16
CA CYS A 47 14.91 0.72 4.58
C CYS A 47 13.95 0.81 5.77
N LYS A 48 14.19 1.77 6.66
CA LYS A 48 13.31 2.02 7.82
C LYS A 48 13.09 3.50 8.00
N VAL A 49 11.92 3.86 8.52
CA VAL A 49 11.65 5.27 8.78
C VAL A 49 10.89 5.47 10.08
N PHE A 50 11.31 6.50 10.80
CA PHE A 50 10.81 6.74 12.14
C PHE A 50 10.38 8.18 12.20
N GLN A 51 9.38 8.44 13.01
CA GLN A 51 8.91 9.80 13.17
C GLN A 51 8.88 10.20 14.66
N PHE A 52 9.55 11.30 15.02
CA PHE A 52 9.61 11.80 16.40
C PHE A 52 8.80 13.11 16.67
N LYS A 53 8.37 13.34 17.90
CA LYS A 53 7.68 14.59 18.23
C LYS A 53 8.62 15.77 18.49
N ASN A 54 9.89 15.51 18.82
CA ASN A 54 10.82 16.57 19.20
C ASN A 54 12.25 16.03 19.24
N LEU A 55 13.22 16.79 18.73
CA LEU A 55 14.62 16.52 19.11
C LEU A 55 15.49 17.72 19.47
N GLN A 56 15.12 18.41 20.54
CA GLN A 56 15.97 19.49 21.06
C GLN A 56 17.15 18.97 21.88
N ASN A 57 17.08 17.71 22.30
CA ASN A 57 18.15 17.14 23.10
C ASN A 57 19.44 16.96 22.31
N PRO A 58 20.52 17.69 22.68
CA PRO A 58 21.76 17.52 21.95
C PRO A 58 22.32 16.11 22.09
N LYS A 59 22.10 15.47 23.25
CA LYS A 59 22.60 14.10 23.47
C LYS A 59 22.00 13.10 22.48
N ILE A 60 20.72 13.24 22.18
CA ILE A 60 20.05 12.37 21.22
C ILE A 60 20.65 12.61 19.86
N ARG A 61 20.92 13.87 19.57
CA ARG A 61 21.39 14.26 18.26
C ARG A 61 22.75 13.66 17.99
N PHE A 62 23.68 13.86 18.92
CA PHE A 62 24.99 13.23 18.91
C PHE A 62 24.91 11.72 18.57
N LYS A 63 24.17 10.97 19.38
CA LYS A 63 24.01 9.52 19.18
C LYS A 63 23.52 9.11 17.78
N LEU A 64 22.47 9.75 17.30
CA LEU A 64 21.97 9.49 15.97
C LEU A 64 23.04 9.75 14.90
N LYS A 65 23.83 10.80 15.13
CA LYS A 65 24.92 11.15 14.22
C LYS A 65 25.96 10.04 14.24
N MET A 66 26.68 9.95 15.36
CA MET A 66 27.73 8.95 15.55
C MET A 66 27.36 7.57 14.99
N ASN A 67 26.21 7.04 15.36
CA ASN A 67 25.81 5.71 14.90
C ASN A 67 25.56 5.59 13.39
N SER A 68 24.97 6.62 12.79
CA SER A 68 24.80 6.64 11.33
C SER A 68 26.16 6.63 10.65
N LYS A 69 27.09 7.37 11.26
CA LYS A 69 28.48 7.43 10.83
C LYS A 69 29.14 6.05 10.89
N GLU A 70 29.04 5.37 12.04
CA GLU A 70 29.77 4.11 12.26
C GLU A 70 29.18 2.95 11.45
N LEU A 71 27.97 3.13 10.93
CA LEU A 71 27.24 2.02 10.30
C LEU A 71 27.15 2.01 8.76
N SER A 72 27.57 3.11 8.12
CA SER A 72 27.49 3.22 6.66
C SER A 72 26.05 3.28 6.13
N LEU A 73 25.11 3.65 6.99
CA LEU A 73 23.73 3.86 6.57
C LEU A 73 23.59 5.15 5.75
N LYS A 74 22.56 5.20 4.92
CA LYS A 74 22.26 6.42 4.18
C LYS A 74 20.86 6.90 4.48
N GLY A 75 20.65 8.19 4.31
CA GLY A 75 19.33 8.76 4.51
C GLY A 75 19.41 10.15 5.08
N LEU A 76 18.42 10.52 5.87
CA LEU A 76 18.37 11.85 6.44
C LEU A 76 17.53 11.96 7.70
N CYS A 77 17.72 13.08 8.38
CA CYS A 77 16.94 13.50 9.52
C CYS A 77 16.53 14.95 9.28
N LEU A 78 15.22 15.17 9.26
CA LEU A 78 14.65 16.45 8.95
C LEU A 78 13.76 16.82 10.12
N ARG A 79 13.83 18.09 10.56
CA ARG A 79 12.85 18.61 11.55
C ARG A 79 12.35 20.01 11.28
N ILE A 80 11.09 20.25 11.60
CA ILE A 80 10.45 21.56 11.40
C ILE A 80 10.85 22.51 12.53
N ARG A 81 11.76 23.44 12.25
CA ARG A 81 12.40 24.32 13.25
C ARG A 81 13.10 23.52 14.36
N ASP A 82 13.89 24.21 15.18
CA ASP A 82 14.59 23.58 16.29
C ASP A 82 13.68 22.81 17.24
N ASP A 83 12.48 23.34 17.48
CA ASP A 83 11.54 22.73 18.45
C ASP A 83 10.43 21.83 17.87
N GLY A 84 10.48 21.53 16.58
CA GLY A 84 9.36 20.80 15.98
C GLY A 84 9.55 19.31 15.76
N PRO A 85 8.51 18.65 15.21
CA PRO A 85 8.59 17.22 14.94
C PRO A 85 9.45 16.97 13.70
N GLY A 86 9.63 15.70 13.35
CA GLY A 86 10.43 15.37 12.17
C GLY A 86 10.53 13.87 11.91
N ILE A 87 11.48 13.54 11.04
CA ILE A 87 11.56 12.22 10.46
C ILE A 87 12.99 11.75 10.38
N ILE A 88 13.19 10.46 10.61
CA ILE A 88 14.48 9.82 10.33
C ILE A 88 14.25 8.78 9.26
N ILE A 89 15.09 8.78 8.22
CA ILE A 89 15.06 7.75 7.16
C ILE A 89 16.40 7.04 7.04
N VAL A 90 16.37 5.72 7.04
CA VAL A 90 17.61 4.96 6.99
C VAL A 90 17.59 3.86 5.93
N VAL A 91 18.69 3.75 5.18
CA VAL A 91 18.79 2.81 4.06
C VAL A 91 20.13 2.07 4.08
N GLY A 92 20.10 0.75 4.02
CA GLY A 92 21.33 -0.04 3.97
C GLY A 92 21.08 -1.52 3.93
N ASN A 93 22.01 -2.34 4.45
CA ASN A 93 21.74 -3.76 4.58
C ASN A 93 20.92 -4.08 5.83
N GLU A 94 20.41 -5.30 5.89
CA GLU A 94 19.49 -5.75 6.94
C GLU A 94 20.07 -5.61 8.33
N LYS A 95 21.30 -6.09 8.49
CA LYS A 95 21.96 -6.07 9.79
C LYS A 95 22.02 -4.65 10.35
N SER A 96 22.50 -3.71 9.53
CA SER A 96 22.66 -2.30 9.95
C SER A 96 21.34 -1.64 10.27
N CYS A 97 20.32 -1.87 9.45
CA CYS A 97 18.99 -1.31 9.72
C CYS A 97 18.40 -1.77 11.04
N LYS A 98 18.49 -3.07 11.32
CA LYS A 98 17.94 -3.58 12.57
C LYS A 98 18.72 -3.01 13.77
N PHE A 99 20.03 -2.86 13.61
CA PHE A 99 20.88 -2.27 14.66
C PHE A 99 20.39 -0.87 14.99
N TYR A 100 20.15 -0.08 13.96
CA TYR A 100 19.66 1.28 14.12
C TYR A 100 18.26 1.29 14.72
N GLU A 101 17.43 0.33 14.34
CA GLU A 101 16.06 0.22 14.86
C GLU A 101 16.15 0.02 16.37
N ASN A 102 17.11 -0.80 16.77
CA ASN A 102 17.31 -1.06 18.18
C ASN A 102 17.74 0.22 18.91
N LEU A 103 18.65 0.96 18.29
CA LEU A 103 19.21 2.17 18.84
C LEU A 103 18.10 3.13 19.17
N VAL A 104 17.19 3.27 18.23
CA VAL A 104 16.24 4.36 18.22
C VAL A 104 15.00 4.00 19.01
N MET A 105 14.61 2.74 18.96
CA MET A 105 13.39 2.29 19.62
C MET A 105 13.64 1.69 21.01
N LYS A 106 14.88 1.32 21.31
CA LYS A 106 15.17 0.65 22.57
C LYS A 106 16.21 1.39 23.43
N ARG A 107 17.24 1.96 22.82
CA ARG A 107 18.36 2.46 23.63
C ARG A 107 18.20 3.92 24.04
N ILE A 108 17.71 4.74 23.11
CA ILE A 108 17.54 6.14 23.36
C ILE A 108 16.31 6.46 24.24
N LYS A 109 16.52 7.27 25.27
CA LYS A 109 15.42 7.75 26.11
C LYS A 109 14.87 9.08 25.57
N TRP A 110 13.92 8.97 24.66
CA TRP A 110 13.29 10.11 24.02
C TRP A 110 12.57 11.06 24.99
N ASN A 111 12.24 10.55 26.18
CA ASN A 111 11.51 11.31 27.21
C ASN A 111 12.37 11.86 28.36
N GLU A 112 13.69 11.71 28.26
CA GLU A 112 14.60 12.13 29.32
C GLU A 112 14.76 13.66 29.42
N ASP A 113 14.59 14.20 30.62
CA ASP A 113 14.74 15.63 30.85
C ASP A 113 16.16 16.11 30.61
N PHE A 114 16.28 17.33 30.11
CA PHE A 114 17.57 17.96 29.89
C PHE A 114 17.55 19.47 30.11
N GLU A 115 18.74 20.05 30.18
CA GLU A 115 18.91 21.47 30.50
C GLU A 115 19.61 22.21 29.36
N LEU A 116 19.14 23.42 29.09
CA LEU A 116 19.78 24.29 28.11
C LEU A 116 20.23 25.60 28.75
N HIS A 117 21.30 26.20 28.20
CA HIS A 117 21.85 27.44 28.75
C HIS A 117 21.87 28.55 27.70
N THR A 118 21.51 29.77 28.10
CA THR A 118 21.44 30.91 27.17
C THR A 118 22.05 32.17 27.75
N ASN A 119 21.98 33.25 26.99
CA ASN A 119 22.52 34.55 27.38
C ASN A 119 21.69 35.24 28.46
N THR A 120 20.45 34.80 28.60
CA THR A 120 19.60 35.40 29.60
C THR A 120 19.35 34.48 30.82
N GLY A 121 19.76 33.22 30.71
CA GLY A 121 19.64 32.29 31.83
C GLY A 121 19.64 30.83 31.43
N ASP A 122 18.96 30.02 32.24
CA ASP A 122 18.92 28.56 32.00
C ASP A 122 17.52 28.06 31.75
N ILE A 123 17.45 26.96 31.01
CA ILE A 123 16.19 26.30 30.65
C ILE A 123 16.17 24.82 31.04
N LYS A 124 15.20 24.41 31.85
CA LYS A 124 14.97 22.99 32.12
C LYS A 124 13.85 22.51 31.22
N MET A 125 14.16 21.55 30.36
CA MET A 125 13.19 20.99 29.42
C MET A 125 12.71 19.64 29.92
N ASP A 126 11.43 19.52 30.25
CA ASP A 126 10.87 18.20 30.60
C ASP A 126 10.20 17.51 29.39
N MET A 127 10.68 16.31 29.04
CA MET A 127 10.20 15.62 27.83
C MET A 127 9.18 14.47 28.05
N HIS A 128 8.38 14.53 29.10
CA HIS A 128 7.43 13.45 29.42
C HIS A 128 6.51 13.01 28.27
N ASN A 129 6.17 13.92 27.36
CA ASN A 129 5.28 13.55 26.27
C ASN A 129 5.94 13.52 24.86
N ASN A 130 7.25 13.33 24.82
CA ASN A 130 7.93 13.05 23.56
C ASN A 130 7.88 11.52 23.26
N SER A 131 7.86 11.17 21.97
CA SER A 131 7.91 9.75 21.59
C SER A 131 8.55 9.61 20.23
N ILE A 132 8.80 8.36 19.84
CA ILE A 132 9.57 8.07 18.64
C ILE A 132 8.89 7.31 17.46
N SER A 133 8.03 6.34 17.71
N SER A 133 8.04 6.32 17.73
CA SER A 133 7.27 5.66 16.61
CA SER A 133 7.27 5.62 16.65
C SER A 133 8.05 5.20 15.37
C SER A 133 7.98 5.20 15.36
N LYS A 134 7.99 3.91 15.05
CA LYS A 134 8.52 3.39 13.77
C LYS A 134 7.40 3.16 12.74
N THR A 135 7.45 3.86 11.61
CA THR A 135 6.28 4.03 10.75
C THR A 135 6.32 3.21 9.47
N TRP A 136 7.49 3.07 8.84
CA TRP A 136 7.60 2.30 7.57
C TRP A 136 8.76 1.33 7.59
N GLU A 137 8.67 0.27 6.79
CA GLU A 137 9.64 -0.81 6.80
C GLU A 137 9.57 -1.55 5.48
N GLY A 138 10.68 -1.67 4.76
CA GLY A 138 10.59 -2.29 3.44
C GLY A 138 11.85 -2.36 2.61
N TYR A 139 11.66 -2.41 1.29
CA TYR A 139 12.78 -2.58 0.37
C TYR A 139 12.74 -1.61 -0.80
N LEU A 140 13.92 -1.20 -1.22
CA LEU A 140 14.08 -0.28 -2.32
C LEU A 140 14.95 -0.91 -3.38
N GLN A 141 14.64 -0.66 -4.65
CA GLN A 141 15.55 -1.07 -5.71
C GLN A 141 16.52 0.08 -5.99
N ASP A 142 16.14 1.28 -5.53
CA ASP A 142 16.82 2.51 -5.86
C ASP A 142 17.13 3.31 -4.58
N CYS A 143 18.32 3.87 -4.49
CA CYS A 143 18.67 4.72 -3.33
C CYS A 143 19.18 6.11 -3.74
N LYS A 144 18.37 7.14 -3.56
CA LYS A 144 18.73 8.48 -3.99
C LYS A 144 19.58 9.29 -3.00
N PHE A 145 19.72 8.79 -1.78
CA PHE A 145 20.53 9.46 -0.75
C PHE A 145 22.03 9.23 -0.98
N LYS A 146 22.83 10.25 -0.66
CA LYS A 146 24.24 10.25 -0.98
C LYS A 146 25.15 10.19 0.25
N GLY A 147 24.53 10.10 1.43
CA GLY A 147 25.25 9.94 2.68
C GLY A 147 24.20 9.93 3.76
N TRP A 148 24.55 10.45 4.93
CA TRP A 148 23.54 10.68 5.95
C TRP A 148 23.72 12.08 6.52
N PHE A 149 22.65 12.87 6.39
CA PHE A 149 22.66 14.31 6.64
C PHE A 149 21.50 14.80 7.52
N MET A 150 21.74 15.81 8.36
CA MET A 150 20.59 16.49 8.94
C MET A 150 20.35 17.94 8.54
N LYS A 151 19.09 18.33 8.65
CA LYS A 151 18.61 19.63 8.19
C LYS A 151 17.43 20.05 9.05
N VAL A 152 17.46 21.28 9.54
CA VAL A 152 16.30 21.84 10.20
C VAL A 152 15.53 22.70 9.19
N CYS A 153 14.25 22.43 9.00
CA CYS A 153 13.41 23.17 8.06
C CYS A 153 12.63 24.27 8.78
N ASN A 154 12.11 25.24 8.04
CA ASN A 154 11.36 26.35 8.63
C ASN A 154 9.86 26.12 8.75
N ASP A 155 9.31 25.36 7.82
CA ASP A 155 7.90 25.00 7.90
C ASP A 155 7.71 23.59 7.40
N GLN A 156 6.52 23.04 7.59
CA GLN A 156 6.23 21.68 7.17
C GLN A 156 6.38 21.50 5.67
N ASP A 157 6.09 22.54 4.91
CA ASP A 157 6.17 22.45 3.45
C ASP A 157 7.62 22.35 3.01
N SER A 158 8.49 23.11 3.67
CA SER A 158 9.92 23.05 3.43
C SER A 158 10.39 21.61 3.67
N LEU A 159 9.88 20.98 4.72
CA LEU A 159 10.20 19.60 4.97
C LEU A 159 9.70 18.71 3.83
N LEU A 160 8.42 18.82 3.49
CA LEU A 160 7.83 18.01 2.42
C LEU A 160 8.54 18.24 1.07
N ARG A 161 8.85 19.48 0.73
CA ARG A 161 9.64 19.76 -0.47
C ARG A 161 10.97 19.00 -0.47
N THR A 162 11.67 19.01 0.66
CA THR A 162 12.95 18.35 0.72
C THR A 162 12.75 16.86 0.49
N LEU A 163 11.84 16.25 1.25
CA LEU A 163 11.62 14.82 1.09
C LEU A 163 11.37 14.46 -0.36
N GLY A 164 10.66 15.33 -1.06
CA GLY A 164 10.30 15.13 -2.45
C GLY A 164 11.45 15.17 -3.44
N GLN A 165 12.58 15.77 -3.03
CA GLN A 165 13.75 15.86 -3.91
C GLN A 165 14.42 14.50 -3.97
N PHE A 166 14.16 13.71 -2.93
CA PHE A 166 14.59 12.33 -2.80
C PHE A 166 13.45 11.34 -2.95
N ASP A 167 12.41 11.72 -3.69
CA ASP A 167 11.29 10.81 -3.98
C ASP A 167 10.66 10.23 -2.73
N SER A 168 10.60 11.02 -1.64
CA SER A 168 10.18 10.46 -0.35
C SER A 168 9.12 11.25 0.44
N GLU A 169 8.28 12.02 -0.26
N GLU A 169 8.29 12.04 -0.24
CA GLU A 169 7.22 12.80 0.37
CA GLU A 169 7.23 12.80 0.42
C GLU A 169 6.29 11.94 1.22
C GLU A 169 6.30 11.93 1.25
N HIS A 170 6.01 10.72 0.74
CA HIS A 170 5.05 9.83 1.38
C HIS A 170 5.47 9.27 2.73
N PHE A 171 6.77 9.23 3.00
CA PHE A 171 7.28 8.68 4.24
C PHE A 171 6.95 9.53 5.46
N TYR A 172 6.47 10.74 5.25
CA TYR A 172 6.14 11.60 6.38
C TYR A 172 4.66 11.59 6.66
N SER A 173 4.28 11.74 7.93
CA SER A 173 2.88 11.96 8.26
C SER A 173 2.61 13.31 8.96
N PRO A 174 2.12 14.29 8.20
CA PRO A 174 1.77 15.61 8.76
C PRO A 174 0.69 15.56 9.84
N VAL A 175 0.58 16.62 10.64
CA VAL A 175 -0.52 16.78 11.63
C VAL A 175 -0.94 18.24 11.78
N THR B 43 4.76 -1.90 -21.35
CA THR B 43 4.95 -2.74 -20.13
C THR B 43 3.68 -2.83 -19.31
N VAL B 44 3.24 -4.07 -19.02
CA VAL B 44 2.03 -4.28 -18.24
C VAL B 44 2.31 -5.10 -16.99
N TYR B 45 1.97 -4.55 -15.84
CA TYR B 45 2.15 -5.21 -14.57
C TYR B 45 0.85 -5.86 -14.12
N HIS B 46 0.93 -7.04 -13.52
CA HIS B 46 -0.24 -7.63 -12.89
C HIS B 46 -0.35 -7.06 -11.49
N CYS B 47 -1.53 -7.16 -10.90
CA CYS B 47 -1.76 -6.60 -9.59
C CYS B 47 -2.82 -7.42 -8.86
N LYS B 48 -2.52 -7.74 -7.60
CA LYS B 48 -3.50 -8.40 -6.74
C LYS B 48 -3.62 -7.68 -5.40
N VAL B 49 -4.84 -7.54 -4.89
CA VAL B 49 -5.01 -6.99 -3.55
C VAL B 49 -5.83 -7.86 -2.60
N PHE B 50 -5.36 -7.89 -1.36
CA PHE B 50 -5.95 -8.70 -0.30
C PHE B 50 -6.31 -7.85 0.91
N GLN B 51 -7.27 -8.31 1.71
CA GLN B 51 -7.64 -7.64 2.96
C GLN B 51 -7.73 -8.64 4.10
N PHE B 52 -7.05 -8.32 5.20
CA PHE B 52 -6.95 -9.21 6.35
C PHE B 52 -7.60 -8.61 7.57
N LYS B 53 -7.98 -9.47 8.52
CA LYS B 53 -8.60 -9.00 9.76
C LYS B 53 -7.55 -8.46 10.72
N ASN B 54 -6.39 -9.11 10.75
CA ASN B 54 -5.35 -8.89 11.76
C ASN B 54 -4.03 -9.43 11.27
N LEU B 55 -2.98 -8.64 11.49
CA LEU B 55 -1.62 -9.00 11.10
C LEU B 55 -0.63 -8.74 12.25
N GLN B 56 -1.02 -9.11 13.47
CA GLN B 56 -0.12 -8.92 14.60
C GLN B 56 1.09 -9.85 14.60
N ASN B 57 0.92 -11.04 14.02
CA ASN B 57 1.94 -12.08 13.99
C ASN B 57 3.19 -11.61 13.24
N PRO B 58 4.33 -11.52 13.94
CA PRO B 58 5.50 -11.09 13.17
C PRO B 58 6.03 -12.19 12.24
N LYS B 59 5.61 -13.44 12.46
CA LYS B 59 6.07 -14.54 11.62
C LYS B 59 5.46 -14.42 10.22
N ILE B 60 4.17 -14.07 10.18
CA ILE B 60 3.46 -13.81 8.93
C ILE B 60 3.99 -12.54 8.31
N ARG B 61 4.18 -11.55 9.15
CA ARG B 61 4.72 -10.28 8.68
C ARG B 61 6.08 -10.53 8.04
N PHE B 62 6.86 -11.45 8.62
CA PHE B 62 8.17 -11.76 8.08
C PHE B 62 8.07 -12.47 6.74
N LYS B 63 7.07 -13.34 6.59
CA LYS B 63 6.86 -14.08 5.33
C LYS B 63 6.40 -13.17 4.17
N LEU B 64 5.52 -12.23 4.48
CA LEU B 64 5.05 -11.25 3.51
C LEU B 64 6.19 -10.41 2.96
N LYS B 65 7.17 -10.11 3.80
CA LYS B 65 8.30 -9.31 3.39
C LYS B 65 9.29 -10.13 2.56
N MET B 66 9.59 -11.32 3.04
CA MET B 66 10.61 -12.17 2.44
C MET B 66 10.26 -12.47 0.98
N ASN B 67 9.04 -12.97 0.77
CA ASN B 67 8.57 -13.37 -0.54
C ASN B 67 8.40 -12.22 -1.49
N SER B 68 7.90 -11.09 -0.98
CA SER B 68 7.87 -9.84 -1.75
C SER B 68 9.25 -9.57 -2.31
N LYS B 69 10.24 -9.57 -1.43
CA LYS B 69 11.62 -9.32 -1.77
C LYS B 69 12.08 -10.36 -2.80
N GLU B 70 11.73 -11.63 -2.56
CA GLU B 70 12.22 -12.74 -3.39
C GLU B 70 11.62 -12.83 -4.79
N LEU B 71 10.38 -12.35 -4.93
CA LEU B 71 9.69 -12.39 -6.22
C LEU B 71 9.81 -11.05 -6.97
N SER B 72 10.51 -10.09 -6.38
CA SER B 72 10.63 -8.73 -6.93
C SER B 72 9.29 -7.98 -7.05
N LEU B 73 8.35 -8.27 -6.15
CA LEU B 73 7.09 -7.56 -6.18
C LEU B 73 7.29 -6.16 -5.61
N LYS B 74 6.59 -5.20 -6.21
CA LYS B 74 6.47 -3.85 -5.65
C LYS B 74 5.07 -3.72 -5.06
N GLY B 75 4.89 -2.81 -4.10
CA GLY B 75 3.58 -2.67 -3.46
C GLY B 75 3.56 -2.17 -2.03
N LEU B 76 2.45 -2.45 -1.35
CA LEU B 76 2.17 -1.92 -0.02
C LEU B 76 1.43 -2.91 0.86
N CYS B 77 1.79 -2.90 2.14
CA CYS B 77 0.97 -3.53 3.15
C CYS B 77 0.71 -2.52 4.25
N LEU B 78 -0.56 -2.20 4.45
CA LEU B 78 -0.98 -1.14 5.38
C LEU B 78 -1.81 -1.72 6.51
N ARG B 79 -1.56 -1.24 7.73
CA ARG B 79 -2.29 -1.71 8.90
C ARG B 79 -2.83 -0.51 9.68
N ILE B 80 -4.05 -0.64 10.19
CA ILE B 80 -4.59 0.38 11.10
C ILE B 80 -4.15 -0.02 12.51
N ARG B 81 -3.09 0.59 13.00
CA ARG B 81 -2.50 0.25 14.31
C ARG B 81 -1.93 -1.19 14.27
N ASP B 82 -1.30 -1.60 15.37
CA ASP B 82 -0.67 -2.92 15.46
C ASP B 82 -1.72 -4.04 15.33
N ASP B 83 -2.80 -3.95 16.12
CA ASP B 83 -3.84 -5.00 16.10
C ASP B 83 -5.00 -4.81 15.10
N GLY B 84 -4.82 -3.92 14.12
CA GLY B 84 -5.90 -3.58 13.18
C GLY B 84 -5.93 -4.31 11.83
N PRO B 85 -7.08 -4.22 11.14
CA PRO B 85 -7.18 -4.80 9.79
C PRO B 85 -6.41 -3.96 8.78
N GLY B 86 -6.21 -4.50 7.58
CA GLY B 86 -5.45 -3.77 6.60
C GLY B 86 -5.46 -4.37 5.22
N ILE B 87 -4.50 -3.92 4.42
CA ILE B 87 -4.54 -4.22 2.99
C ILE B 87 -3.15 -4.49 2.47
N ILE B 88 -3.06 -5.51 1.60
CA ILE B 88 -1.85 -5.82 0.86
C ILE B 88 -2.08 -5.52 -0.61
N ILE B 89 -1.21 -4.68 -1.18
CA ILE B 89 -1.18 -4.52 -2.62
C ILE B 89 0.15 -5.01 -3.16
N VAL B 90 0.07 -5.88 -4.15
CA VAL B 90 1.24 -6.52 -4.70
C VAL B 90 1.18 -6.33 -6.23
N VAL B 91 2.28 -5.86 -6.82
CA VAL B 91 2.37 -5.55 -8.25
C VAL B 91 3.66 -6.14 -8.82
N GLY B 92 3.54 -6.93 -9.89
CA GLY B 92 4.70 -7.48 -10.60
C GLY B 92 4.28 -8.27 -11.82
N ASN B 93 5.03 -9.33 -12.15
CA ASN B 93 4.59 -10.22 -13.22
C ASN B 93 3.54 -11.23 -12.72
N GLU B 94 2.80 -11.84 -13.63
CA GLU B 94 1.62 -12.61 -13.26
C GLU B 94 1.88 -13.92 -12.52
N LYS B 95 2.97 -14.61 -12.89
CA LYS B 95 3.41 -15.81 -12.19
C LYS B 95 3.79 -15.49 -10.75
N SER B 96 4.60 -14.44 -10.56
CA SER B 96 4.96 -14.01 -9.21
C SER B 96 3.77 -13.61 -8.35
N CYS B 97 2.79 -12.93 -8.95
CA CYS B 97 1.58 -12.55 -8.23
C CYS B 97 0.75 -13.76 -7.85
N LYS B 98 0.70 -14.76 -8.73
CA LYS B 98 0.01 -16.02 -8.45
C LYS B 98 0.66 -16.80 -7.31
N PHE B 99 1.99 -16.89 -7.34
CA PHE B 99 2.76 -17.53 -6.27
C PHE B 99 2.40 -16.88 -4.93
N TYR B 100 2.35 -15.54 -4.94
CA TYR B 100 1.93 -14.79 -3.79
C TYR B 100 0.49 -15.12 -3.40
N GLU B 101 -0.41 -15.14 -4.38
CA GLU B 101 -1.81 -15.52 -4.12
C GLU B 101 -1.87 -16.82 -3.33
N ASN B 102 -1.24 -17.87 -3.83
CA ASN B 102 -1.28 -19.17 -3.13
C ASN B 102 -0.62 -19.13 -1.74
N LEU B 103 0.51 -18.42 -1.63
CA LEU B 103 1.17 -18.26 -0.33
C LEU B 103 0.17 -17.72 0.69
N VAL B 104 -0.38 -16.55 0.36
CA VAL B 104 -1.36 -15.84 1.17
C VAL B 104 -2.67 -16.62 1.42
N MET B 105 -3.22 -17.26 0.39
CA MET B 105 -4.55 -17.87 0.51
C MET B 105 -4.57 -19.35 0.92
N LYS B 106 -3.40 -20.00 0.99
CA LYS B 106 -3.38 -21.46 1.04
C LYS B 106 -2.23 -22.03 1.86
N ARG B 107 -1.21 -21.20 2.11
CA ARG B 107 0.01 -21.68 2.73
C ARG B 107 0.23 -21.05 4.11
N ILE B 108 0.09 -19.74 4.21
CA ILE B 108 0.11 -19.04 5.49
C ILE B 108 -1.13 -19.39 6.31
N LYS B 109 -0.91 -19.80 7.56
CA LYS B 109 -2.03 -20.03 8.46
C LYS B 109 -2.24 -18.79 9.33
N TRP B 110 -3.18 -17.96 8.88
CA TRP B 110 -3.61 -16.73 9.56
C TRP B 110 -4.27 -16.99 10.91
N ASN B 111 -4.70 -18.23 11.13
N ASN B 111 -4.72 -18.22 11.14
CA ASN B 111 -5.41 -18.63 12.33
CA ASN B 111 -5.42 -18.59 12.37
C ASN B 111 -4.52 -19.24 13.39
C ASN B 111 -4.50 -19.19 13.43
N GLU B 112 -3.23 -19.33 13.10
CA GLU B 112 -2.26 -19.90 14.04
C GLU B 112 -1.98 -18.95 15.20
N ASP B 113 -1.95 -19.52 16.40
CA ASP B 113 -1.59 -18.79 17.60
C ASP B 113 -0.09 -18.50 17.64
N PHE B 114 0.26 -17.53 18.48
CA PHE B 114 1.65 -17.09 18.64
C PHE B 114 1.86 -16.31 19.96
N GLU B 115 3.13 -16.09 20.30
CA GLU B 115 3.51 -15.23 21.41
C GLU B 115 3.81 -13.82 20.94
N LEU B 116 3.26 -12.84 21.65
CA LEU B 116 3.56 -11.44 21.39
C LEU B 116 4.56 -10.96 22.44
N HIS B 117 5.56 -10.17 22.04
CA HIS B 117 6.54 -9.66 23.00
C HIS B 117 6.37 -8.16 23.22
N THR B 118 5.82 -7.80 24.38
CA THR B 118 5.56 -6.41 24.73
C THR B 118 6.47 -6.02 25.89
N ASN B 119 6.47 -4.73 26.22
CA ASN B 119 7.26 -4.20 27.31
C ASN B 119 6.66 -4.55 28.68
N THR B 120 5.41 -5.03 28.64
CA THR B 120 4.70 -5.48 29.84
C THR B 120 4.79 -7.01 30.02
N GLY B 121 5.22 -7.70 28.96
CA GLY B 121 5.44 -9.13 29.03
C GLY B 121 5.11 -9.87 27.75
N ASP B 122 5.10 -11.19 27.86
CA ASP B 122 4.75 -12.06 26.74
C ASP B 122 3.29 -12.48 26.84
N ILE B 123 2.58 -12.38 25.73
CA ILE B 123 1.16 -12.73 25.67
C ILE B 123 0.93 -13.78 24.58
N LYS B 124 0.28 -14.89 24.94
CA LYS B 124 -0.15 -15.87 23.95
C LYS B 124 -1.46 -15.37 23.34
N MET B 125 -1.45 -15.22 22.02
CA MET B 125 -2.60 -14.68 21.30
C MET B 125 -3.41 -15.80 20.68
N ASP B 126 -4.73 -15.63 20.67
CA ASP B 126 -5.66 -16.61 20.10
C ASP B 126 -6.19 -16.10 18.76
N MET B 127 -5.81 -16.78 17.69
CA MET B 127 -6.01 -16.22 16.36
C MET B 127 -7.05 -16.90 15.47
N HIS B 128 -7.92 -17.75 16.04
CA HIS B 128 -9.09 -18.19 15.28
C HIS B 128 -9.93 -16.93 15.05
N ASN B 129 -10.73 -16.92 13.99
CA ASN B 129 -11.47 -15.71 13.57
C ASN B 129 -10.68 -14.76 12.65
N ASN B 130 -9.37 -14.94 12.60
CA ASN B 130 -8.58 -14.21 11.64
C ASN B 130 -8.81 -14.81 10.27
N SER B 131 -8.72 -13.99 9.22
CA SER B 131 -8.90 -14.47 7.87
C SER B 131 -8.35 -13.48 6.83
N ILE B 132 -8.23 -13.97 5.60
CA ILE B 132 -7.83 -13.13 4.49
C ILE B 132 -8.71 -13.35 3.24
N SER B 133 -8.88 -12.27 2.49
CA SER B 133 -9.67 -12.29 1.26
C SER B 133 -8.92 -11.64 0.11
N LYS B 134 -8.98 -12.28 -1.05
CA LYS B 134 -8.53 -11.66 -2.29
C LYS B 134 -9.69 -10.78 -2.75
N THR B 135 -9.38 -9.54 -3.14
CA THR B 135 -10.45 -8.59 -3.48
C THR B 135 -10.32 -8.07 -4.90
N TRP B 136 -9.13 -7.67 -5.32
CA TRP B 136 -8.95 -7.22 -6.68
C TRP B 136 -7.83 -7.98 -7.34
N GLU B 137 -7.93 -8.08 -8.66
CA GLU B 137 -7.02 -8.85 -9.49
C GLU B 137 -7.10 -8.17 -10.85
N GLY B 138 -5.96 -7.75 -11.41
CA GLY B 138 -5.97 -7.08 -12.70
C GLY B 138 -4.66 -6.52 -13.20
N TYR B 139 -4.73 -5.51 -14.06
CA TYR B 139 -3.54 -4.95 -14.69
C TYR B 139 -3.47 -3.45 -14.54
N LEU B 140 -2.28 -2.97 -14.23
CA LEU B 140 -1.99 -1.54 -14.20
C LEU B 140 -1.08 -1.23 -15.37
N GLN B 141 -1.10 0.01 -15.83
CA GLN B 141 -0.05 0.45 -16.73
C GLN B 141 0.93 1.29 -15.95
N ASP B 142 0.52 1.69 -14.75
CA ASP B 142 1.18 2.74 -14.05
C ASP B 142 1.51 2.33 -12.61
N CYS B 143 2.70 1.77 -12.42
CA CYS B 143 3.16 1.44 -11.08
C CYS B 143 3.81 2.65 -10.40
N LYS B 144 3.17 3.13 -9.33
CA LYS B 144 3.66 4.28 -8.60
C LYS B 144 4.31 3.91 -7.27
N PHE B 145 4.36 2.60 -6.98
CA PHE B 145 5.13 2.11 -5.84
C PHE B 145 6.58 1.97 -6.24
N LYS B 146 7.47 2.37 -5.34
CA LYS B 146 8.91 2.35 -5.61
C LYS B 146 9.67 1.18 -4.97
N GLY B 147 9.03 0.50 -4.03
CA GLY B 147 9.53 -0.77 -3.52
C GLY B 147 8.38 -1.58 -2.98
N TRP B 148 8.64 -2.38 -1.95
CA TRP B 148 7.54 -2.97 -1.19
C TRP B 148 7.71 -2.63 0.29
N PHE B 149 6.68 -2.01 0.85
CA PHE B 149 6.75 -1.48 2.22
C PHE B 149 5.57 -1.89 3.06
N MET B 150 5.79 -2.02 4.37
CA MET B 150 4.65 -2.05 5.26
C MET B 150 4.67 -0.96 6.28
N LYS B 151 3.47 -0.50 6.61
CA LYS B 151 3.30 0.67 7.44
C LYS B 151 2.20 0.46 8.45
N VAL B 152 2.38 1.09 9.60
CA VAL B 152 1.37 1.17 10.63
C VAL B 152 0.72 2.55 10.57
N CYS B 153 -0.60 2.58 10.37
CA CYS B 153 -1.35 3.83 10.29
C CYS B 153 -2.03 4.17 11.60
N ASN B 154 -2.23 5.45 11.82
CA ASN B 154 -2.87 5.92 13.04
C ASN B 154 -4.35 5.54 13.12
N ASP B 155 -5.04 5.60 11.96
CA ASP B 155 -6.45 5.23 11.86
C ASP B 155 -6.88 5.00 10.42
N GLN B 156 -8.17 4.69 10.23
CA GLN B 156 -8.72 4.43 8.90
C GLN B 156 -8.47 5.61 7.96
N ASP B 157 -8.60 6.82 8.48
CA ASP B 157 -8.45 8.03 7.68
C ASP B 157 -7.02 8.20 7.14
N SER B 158 -6.04 7.81 7.94
CA SER B 158 -4.64 7.95 7.56
C SER B 158 -4.22 6.90 6.57
N LEU B 159 -4.79 5.70 6.72
CA LEU B 159 -4.58 4.61 5.78
C LEU B 159 -5.05 5.02 4.39
N LEU B 160 -6.23 5.64 4.34
CA LEU B 160 -6.82 6.06 3.10
C LEU B 160 -6.05 7.22 2.49
N ARG B 161 -5.66 8.18 3.31
CA ARG B 161 -4.77 9.25 2.86
C ARG B 161 -3.50 8.67 2.27
N THR B 162 -3.02 7.58 2.83
CA THR B 162 -1.79 6.99 2.35
C THR B 162 -2.03 6.39 0.97
N LEU B 163 -3.04 5.53 0.87
CA LEU B 163 -3.42 4.96 -0.42
C LEU B 163 -3.60 6.04 -1.47
N GLY B 164 -4.14 7.17 -1.03
CA GLY B 164 -4.35 8.33 -1.88
C GLY B 164 -3.08 8.82 -2.54
N GLN B 165 -1.97 8.76 -1.83
CA GLN B 165 -0.68 9.19 -2.39
C GLN B 165 -0.16 8.24 -3.48
N PHE B 166 -0.78 7.06 -3.61
CA PHE B 166 -0.42 6.11 -4.67
C PHE B 166 -1.57 5.81 -5.63
N ASP B 167 -2.50 6.77 -5.73
CA ASP B 167 -3.73 6.61 -6.50
C ASP B 167 -4.44 5.29 -6.22
N SER B 168 -4.36 4.81 -4.99
CA SER B 168 -4.86 3.48 -4.69
C SER B 168 -6.01 3.44 -3.71
N GLU B 169 -6.55 4.61 -3.35
CA GLU B 169 -7.59 4.67 -2.31
C GLU B 169 -8.84 3.89 -2.65
N HIS B 170 -9.11 3.69 -3.93
N HIS B 170 -9.08 3.74 -3.95
CA HIS B 170 -10.30 2.97 -4.34
CA HIS B 170 -10.20 2.97 -4.48
C HIS B 170 -10.22 1.47 -4.06
C HIS B 170 -9.81 1.51 -4.72
N PHE B 171 -9.00 0.97 -3.81
CA PHE B 171 -8.75 -0.49 -3.71
C PHE B 171 -9.16 -1.05 -2.36
N TYR B 172 -9.59 -0.16 -1.46
CA TYR B 172 -9.89 -0.56 -0.08
C TYR B 172 -11.39 -0.60 0.17
N SER B 173 -11.82 -1.54 1.01
CA SER B 173 -13.22 -1.64 1.38
C SER B 173 -13.34 -1.59 2.91
N PRO B 174 -13.83 -0.45 3.42
CA PRO B 174 -13.96 -0.20 4.85
C PRO B 174 -14.98 -1.14 5.50
N THR C 43 -7.36 13.81 -24.86
CA THR C 43 -8.35 14.54 -24.01
C THR C 43 -9.73 13.86 -24.00
N VAL C 44 -9.99 12.96 -24.96
CA VAL C 44 -11.30 12.27 -25.06
C VAL C 44 -11.19 10.73 -25.21
N TYR C 45 -11.88 10.01 -24.33
CA TYR C 45 -11.83 8.55 -24.29
C TYR C 45 -13.17 7.91 -24.68
N HIS C 46 -13.15 6.91 -25.56
CA HIS C 46 -14.36 6.16 -25.88
C HIS C 46 -14.67 5.17 -24.76
N CYS C 47 -15.95 4.85 -24.58
CA CYS C 47 -16.34 3.99 -23.48
C CYS C 47 -17.54 3.11 -23.78
N LYS C 48 -17.47 1.87 -23.31
CA LYS C 48 -18.53 0.89 -23.54
C LYS C 48 -18.84 0.10 -22.27
N VAL C 49 -20.12 -0.23 -22.06
CA VAL C 49 -20.48 -1.02 -20.88
C VAL C 49 -21.49 -2.12 -21.18
N PHE C 50 -21.28 -3.27 -20.56
CA PHE C 50 -22.07 -4.47 -20.81
C PHE C 50 -22.52 -5.08 -19.48
N GLN C 51 -23.59 -5.87 -19.54
CA GLN C 51 -24.05 -6.64 -18.38
C GLN C 51 -24.25 -8.10 -18.72
N PHE C 52 -23.87 -8.97 -17.78
CA PHE C 52 -23.95 -10.41 -17.97
C PHE C 52 -24.76 -11.06 -16.85
N LYS C 53 -25.50 -12.12 -17.20
CA LYS C 53 -26.32 -12.88 -16.26
C LYS C 53 -25.46 -13.70 -15.29
N ASN C 54 -24.35 -14.23 -15.79
CA ASN C 54 -23.51 -15.11 -14.99
C ASN C 54 -22.07 -15.15 -15.46
N LEU C 55 -21.13 -15.22 -14.51
CA LEU C 55 -19.71 -15.29 -14.83
C LEU C 55 -19.07 -16.32 -13.89
N GLN C 56 -18.87 -17.54 -14.40
CA GLN C 56 -18.35 -18.65 -13.61
C GLN C 56 -17.38 -19.53 -14.37
N ASN C 57 -17.45 -19.46 -15.70
CA ASN C 57 -16.56 -20.23 -16.56
C ASN C 57 -15.19 -19.57 -16.60
N PRO C 58 -14.12 -20.37 -16.39
CA PRO C 58 -12.76 -19.84 -16.31
C PRO C 58 -12.20 -19.36 -17.65
N LYS C 59 -12.60 -20.02 -18.74
CA LYS C 59 -12.10 -19.69 -20.08
C LYS C 59 -12.50 -18.31 -20.59
N ILE C 60 -13.73 -17.88 -20.29
CA ILE C 60 -14.12 -16.53 -20.69
C ILE C 60 -13.51 -15.51 -19.75
N ARG C 61 -13.44 -15.87 -18.47
CA ARG C 61 -12.79 -15.04 -17.46
C ARG C 61 -11.40 -14.73 -17.99
N PHE C 62 -10.71 -15.79 -18.43
CA PHE C 62 -9.36 -15.68 -18.98
C PHE C 62 -9.30 -14.78 -20.19
N LYS C 63 -10.19 -15.02 -21.14
CA LYS C 63 -10.21 -14.26 -22.39
C LYS C 63 -10.51 -12.80 -22.13
N LEU C 64 -11.47 -12.55 -21.23
CA LEU C 64 -11.78 -11.20 -20.74
C LEU C 64 -10.52 -10.50 -20.22
N LYS C 65 -9.77 -11.20 -19.36
CA LYS C 65 -8.55 -10.67 -18.75
C LYS C 65 -7.51 -10.36 -19.81
N MET C 66 -7.18 -11.38 -20.62
CA MET C 66 -6.07 -11.32 -21.56
C MET C 66 -6.27 -10.25 -22.65
N ASN C 67 -7.50 -10.12 -23.13
CA ASN C 67 -7.78 -9.15 -24.19
C ASN C 67 -7.83 -7.70 -23.70
N SER C 68 -8.27 -7.50 -22.46
CA SER C 68 -8.13 -6.20 -21.79
C SER C 68 -6.66 -5.78 -21.70
N LYS C 69 -5.80 -6.72 -21.32
CA LYS C 69 -4.37 -6.51 -21.22
C LYS C 69 -3.76 -6.07 -22.55
N GLU C 70 -3.95 -6.91 -23.58
CA GLU C 70 -3.35 -6.70 -24.90
C GLU C 70 -3.76 -5.36 -25.50
N LEU C 71 -5.06 -5.06 -25.43
CA LEU C 71 -5.63 -3.87 -26.05
C LEU C 71 -5.43 -2.59 -25.25
N SER C 72 -4.77 -2.72 -24.10
CA SER C 72 -4.42 -1.57 -23.27
C SER C 72 -5.65 -0.74 -22.90
N LEU C 73 -6.68 -1.43 -22.42
CA LEU C 73 -7.93 -0.81 -21.98
C LEU C 73 -7.92 -0.59 -20.49
N LYS C 74 -8.79 0.30 -20.04
CA LYS C 74 -9.02 0.55 -18.62
C LYS C 74 -10.48 0.25 -18.29
N GLY C 75 -10.78 0.03 -17.01
CA GLY C 75 -12.13 -0.25 -16.58
C GLY C 75 -12.23 -1.33 -15.50
N LEU C 76 -13.39 -1.98 -15.46
CA LEU C 76 -13.75 -2.89 -14.38
C LEU C 76 -14.54 -4.08 -14.90
N CYS C 77 -14.53 -5.13 -14.11
CA CYS C 77 -15.45 -6.24 -14.26
C CYS C 77 -15.89 -6.62 -12.86
N LEU C 78 -17.18 -6.44 -12.59
CA LEU C 78 -17.74 -6.65 -11.27
C LEU C 78 -18.86 -7.66 -11.33
N ARG C 79 -18.74 -8.75 -10.57
CA ARG C 79 -19.82 -9.74 -10.45
C ARG C 79 -20.25 -9.86 -9.00
N ILE C 80 -21.57 -9.89 -8.76
CA ILE C 80 -22.06 -10.08 -7.40
C ILE C 80 -22.09 -11.58 -7.05
N ARG C 81 -21.30 -11.94 -6.05
CA ARG C 81 -20.99 -13.34 -5.69
C ARG C 81 -20.31 -14.10 -6.82
N ASP C 82 -19.83 -15.30 -6.51
CA ASP C 82 -19.14 -16.11 -7.48
C ASP C 82 -20.05 -16.54 -8.62
N ASP C 83 -21.31 -16.83 -8.29
CA ASP C 83 -22.27 -17.40 -9.24
C ASP C 83 -23.35 -16.41 -9.72
N GLY C 84 -23.08 -15.11 -9.62
CA GLY C 84 -24.05 -14.09 -9.95
C GLY C 84 -23.69 -13.25 -11.15
N PRO C 85 -24.61 -12.34 -11.56
CA PRO C 85 -24.49 -11.41 -12.69
C PRO C 85 -23.60 -10.20 -12.37
N GLY C 86 -23.34 -9.35 -13.36
CA GLY C 86 -22.50 -8.18 -13.16
C GLY C 86 -22.34 -7.24 -14.35
N ILE C 87 -21.36 -6.35 -14.25
CA ILE C 87 -21.16 -5.26 -15.21
C ILE C 87 -19.73 -5.27 -15.72
N ILE C 88 -19.55 -4.92 -17.00
CA ILE C 88 -18.22 -4.68 -17.53
C ILE C 88 -18.14 -3.27 -18.06
N ILE C 89 -17.12 -2.54 -17.65
CA ILE C 89 -16.85 -1.20 -18.19
C ILE C 89 -15.49 -1.18 -18.88
N VAL C 90 -15.43 -0.54 -20.04
CA VAL C 90 -14.20 -0.51 -20.82
C VAL C 90 -13.93 0.88 -21.40
N VAL C 91 -12.69 1.36 -21.27
CA VAL C 91 -12.31 2.71 -21.70
C VAL C 91 -11.01 2.74 -22.52
N GLY C 92 -11.00 3.49 -23.62
CA GLY C 92 -9.78 3.64 -24.43
C GLY C 92 -10.00 4.42 -25.71
N ASN C 93 -9.40 3.94 -26.80
CA ASN C 93 -9.62 4.50 -28.13
C ASN C 93 -10.72 3.74 -28.86
N GLU C 94 -11.23 4.32 -29.96
CA GLU C 94 -12.32 3.71 -30.71
C GLU C 94 -11.98 2.28 -31.07
N LYS C 95 -10.90 2.13 -31.84
CA LYS C 95 -10.45 0.85 -32.41
C LYS C 95 -10.49 -0.27 -31.38
N SER C 96 -9.91 0.00 -30.22
CA SER C 96 -9.85 -0.97 -29.14
C SER C 96 -11.23 -1.34 -28.61
N CYS C 97 -12.08 -0.33 -28.41
CA CYS C 97 -13.40 -0.55 -27.87
C CYS C 97 -14.33 -1.39 -28.76
N LYS C 98 -14.29 -1.15 -30.07
CA LYS C 98 -15.04 -1.97 -31.04
C LYS C 98 -14.57 -3.44 -31.08
N PHE C 99 -13.26 -3.64 -30.95
CA PHE C 99 -12.69 -4.99 -30.93
C PHE C 99 -13.16 -5.77 -29.70
N TYR C 100 -13.33 -5.05 -28.59
CA TYR C 100 -13.80 -5.68 -27.36
C TYR C 100 -15.25 -6.08 -27.50
N GLU C 101 -16.05 -5.20 -28.12
CA GLU C 101 -17.44 -5.50 -28.36
C GLU C 101 -17.55 -6.78 -29.18
N ASN C 102 -16.87 -6.80 -30.32
CA ASN C 102 -16.85 -7.97 -31.21
C ASN C 102 -16.48 -9.25 -30.48
N LEU C 103 -15.46 -9.15 -29.62
CA LEU C 103 -15.07 -10.27 -28.78
C LEU C 103 -16.22 -10.71 -27.90
N VAL C 104 -16.76 -9.78 -27.13
CA VAL C 104 -17.81 -10.07 -26.14
C VAL C 104 -19.13 -10.51 -26.76
N MET C 105 -19.52 -9.89 -27.87
CA MET C 105 -20.87 -10.06 -28.43
C MET C 105 -21.00 -11.19 -29.44
N LYS C 106 -19.90 -11.52 -30.13
CA LYS C 106 -19.95 -12.50 -31.22
C LYS C 106 -18.69 -13.33 -31.41
N ARG C 107 -17.92 -13.50 -30.34
CA ARG C 107 -16.73 -14.38 -30.39
C ARG C 107 -16.68 -15.34 -29.19
N ILE C 108 -17.38 -14.99 -28.12
CA ILE C 108 -17.43 -15.79 -26.90
C ILE C 108 -18.77 -16.53 -26.82
N LYS C 109 -18.74 -17.84 -26.60
CA LYS C 109 -19.98 -18.58 -26.34
C LYS C 109 -20.28 -18.60 -24.85
N TRP C 110 -21.38 -17.95 -24.48
CA TRP C 110 -21.72 -17.68 -23.09
C TRP C 110 -22.57 -18.74 -22.40
N ASN C 111 -23.38 -19.49 -23.15
CA ASN C 111 -24.31 -20.46 -22.54
C ASN C 111 -23.79 -21.90 -22.56
N GLU C 112 -22.67 -22.13 -21.88
CA GLU C 112 -22.08 -23.47 -21.79
C GLU C 112 -21.90 -23.94 -20.34
N ASP C 113 -21.83 -25.26 -20.12
CA ASP C 113 -21.74 -25.84 -18.77
C ASP C 113 -20.33 -26.31 -18.34
N PHE C 114 -20.25 -26.90 -17.15
CA PHE C 114 -19.00 -27.39 -16.57
C PHE C 114 -18.51 -28.66 -17.27
N ASN C 130 -28.11 -18.21 -19.88
CA ASN C 130 -27.07 -17.19 -19.82
C ASN C 130 -27.04 -16.33 -21.05
N SER C 131 -26.68 -15.06 -20.89
CA SER C 131 -26.60 -14.08 -21.99
C SER C 131 -25.74 -12.87 -21.64
N ILE C 132 -25.72 -11.91 -22.58
CA ILE C 132 -24.89 -10.71 -22.53
C ILE C 132 -25.70 -9.60 -23.17
N SER C 133 -25.38 -8.35 -22.84
CA SER C 133 -25.95 -7.20 -23.53
C SER C 133 -25.12 -5.95 -23.32
N LYS C 134 -25.05 -5.13 -24.39
CA LYS C 134 -24.36 -3.85 -24.37
C LYS C 134 -25.37 -2.78 -23.98
N THR C 135 -25.04 -1.99 -22.96
CA THR C 135 -25.97 -0.98 -22.47
C THR C 135 -25.58 0.44 -22.87
N TRP C 136 -24.39 0.88 -22.53
CA TRP C 136 -23.96 2.20 -22.91
C TRP C 136 -22.83 2.19 -23.94
N GLU C 137 -22.74 3.30 -24.65
CA GLU C 137 -21.70 3.58 -25.62
C GLU C 137 -21.52 5.06 -25.59
N GLY C 138 -20.29 5.53 -25.45
CA GLY C 138 -20.09 6.96 -25.61
C GLY C 138 -18.75 7.50 -25.20
N TYR C 139 -18.75 8.77 -24.81
CA TYR C 139 -17.50 9.48 -24.53
C TYR C 139 -17.38 10.03 -23.11
N LEU C 140 -16.20 9.83 -22.57
CA LEU C 140 -15.80 10.36 -21.28
C LEU C 140 -14.69 11.38 -21.50
N GLN C 141 -14.74 12.47 -20.76
CA GLN C 141 -13.68 13.46 -20.83
C GLN C 141 -12.63 13.17 -19.77
N ASP C 142 -13.09 12.63 -18.64
CA ASP C 142 -12.24 12.33 -17.50
C ASP C 142 -12.30 10.85 -17.13
N CYS C 143 -11.12 10.23 -16.96
CA CYS C 143 -11.05 8.81 -16.63
C CYS C 143 -10.57 8.58 -15.21
N LYS C 144 -11.36 7.82 -14.46
CA LYS C 144 -11.09 7.54 -13.04
C LYS C 144 -10.44 6.18 -12.78
N PHE C 145 -10.46 5.27 -13.76
CA PHE C 145 -9.85 3.94 -13.59
C PHE C 145 -8.36 3.97 -13.87
N LYS C 146 -7.62 3.20 -13.10
CA LYS C 146 -6.17 3.19 -13.16
C LYS C 146 -5.62 2.08 -14.03
N GLY C 147 -6.39 1.01 -14.15
CA GLY C 147 -6.04 -0.10 -15.01
C GLY C 147 -7.32 -0.84 -15.29
N TRP C 148 -7.21 -2.14 -15.54
CA TRP C 148 -8.41 -2.96 -15.69
C TRP C 148 -8.44 -4.03 -14.61
N PHE C 149 -9.49 -3.99 -13.79
CA PHE C 149 -9.55 -4.83 -12.63
C PHE C 149 -10.84 -5.62 -12.53
N MET C 150 -10.71 -6.85 -12.04
CA MET C 150 -11.80 -7.81 -11.92
C MET C 150 -12.07 -7.99 -10.44
N LYS C 151 -13.34 -8.05 -10.06
CA LYS C 151 -13.68 -8.21 -8.64
C LYS C 151 -15.02 -8.94 -8.41
N VAL C 152 -15.04 -9.78 -7.39
CA VAL C 152 -16.27 -10.43 -6.93
C VAL C 152 -16.78 -9.72 -5.68
N CYS C 153 -17.97 -9.15 -5.77
CA CYS C 153 -18.59 -8.43 -4.66
C CYS C 153 -19.56 -9.32 -3.95
N ASN C 154 -19.80 -9.04 -2.67
CA ASN C 154 -20.69 -9.86 -1.88
C ASN C 154 -22.18 -9.58 -2.07
N ASP C 155 -22.54 -8.31 -2.21
CA ASP C 155 -23.91 -7.94 -2.56
C ASP C 155 -23.95 -6.74 -3.49
N GLN C 156 -25.12 -6.52 -4.10
CA GLN C 156 -25.36 -5.45 -5.06
C GLN C 156 -25.07 -4.10 -4.43
N ASP C 157 -25.47 -3.94 -3.16
CA ASP C 157 -25.17 -2.75 -2.39
C ASP C 157 -23.67 -2.43 -2.44
N SER C 158 -22.84 -3.47 -2.32
CA SER C 158 -21.38 -3.31 -2.43
C SER C 158 -20.95 -2.94 -3.84
N LEU C 159 -21.48 -3.66 -4.83
CA LEU C 159 -21.18 -3.40 -6.23
C LEU C 159 -21.43 -1.92 -6.56
N LEU C 160 -22.55 -1.40 -6.07
CA LEU C 160 -22.93 -0.02 -6.31
C LEU C 160 -21.95 0.97 -5.70
N ARG C 161 -21.54 0.72 -4.46
CA ARG C 161 -20.59 1.60 -3.80
C ARG C 161 -19.24 1.59 -4.48
N THR C 162 -18.84 0.42 -4.99
CA THR C 162 -17.59 0.27 -5.73
C THR C 162 -17.65 1.16 -6.97
N LEU C 163 -18.67 0.95 -7.80
CA LEU C 163 -18.93 1.85 -8.91
C LEU C 163 -19.01 3.31 -8.46
N GLY C 164 -19.60 3.54 -7.30
CA GLY C 164 -19.69 4.89 -6.72
C GLY C 164 -18.37 5.63 -6.64
N GLN C 165 -17.32 4.92 -6.25
CA GLN C 165 -15.98 5.49 -6.06
C GLN C 165 -15.36 5.87 -7.39
N PHE C 166 -15.72 5.14 -8.43
CA PHE C 166 -15.26 5.45 -9.77
C PHE C 166 -16.27 6.32 -10.49
N ASP C 167 -17.04 7.05 -9.71
CA ASP C 167 -17.96 8.08 -10.19
C ASP C 167 -18.93 7.55 -11.25
N SER C 168 -19.22 6.25 -11.21
CA SER C 168 -20.00 5.67 -12.28
C SER C 168 -21.14 4.72 -11.85
N GLU C 169 -21.67 4.95 -10.65
CA GLU C 169 -22.80 4.17 -10.15
C GLU C 169 -23.97 4.08 -11.16
N HIS C 170 -24.19 5.16 -11.92
CA HIS C 170 -25.38 5.27 -12.78
C HIS C 170 -25.33 4.46 -14.09
N PHE C 171 -24.18 3.83 -14.38
CA PHE C 171 -24.07 2.89 -15.51
C PHE C 171 -24.68 1.53 -15.23
N TYR C 172 -25.22 1.33 -14.04
CA TYR C 172 -25.72 0.01 -13.66
C TYR C 172 -27.25 -0.06 -13.71
N SER C 173 -27.74 -1.23 -14.08
CA SER C 173 -29.17 -1.51 -14.13
C SER C 173 -29.42 -2.77 -13.31
N PRO C 174 -30.13 -2.63 -12.16
CA PRO C 174 -30.48 -3.76 -11.30
C PRO C 174 -31.39 -4.81 -11.95
Y YT3 D . 10.39 14.51 33.29
Y YT3 E . 17.00 -12.11 6.33
Y YT3 F . -6.20 -21.43 18.77
Y YT3 G . -25.99 -25.84 -20.50
#